data_2HVV
#
_entry.id   2HVV
#
_cell.length_a   113.233
_cell.length_b   113.233
_cell.length_c   113.233
_cell.angle_alpha   90.00
_cell.angle_beta   90.00
_cell.angle_gamma   90.00
#
_symmetry.space_group_name_H-M   'P 21 3'
#
loop_
_entity.id
_entity.type
_entity.pdbx_description
1 polymer 'deoxycytidylate deaminase'
2 non-polymer 'SULFATE ION'
3 non-polymer 'ZINC ION'
4 water water
#
_entity_poly.entity_id   1
_entity_poly.type   'polypeptide(L)'
_entity_poly.pdbx_seq_one_letter_code
;MGSSHHHHHHSSGLVPRGSHMASMTGGQQMGRGSMTNRLSWQDYFMANAELISKRSTCNRAYVGAVLVKNNRIIATGYNG
GVADTDNCDDVGHEMEDGHCIRTVHAEMNALIQCAKEGISANNTEIYVTHFPCINCTKALLQAGVKKITYNTAYRIHPFA
IELMTQKEVEYVQHDVPRVKLGEK
;
_entity_poly.pdbx_strand_id   A,B
#
loop_
_chem_comp.id
_chem_comp.type
_chem_comp.name
_chem_comp.formula
SO4 non-polymer 'SULFATE ION' 'O4 S -2'
ZN non-polymer 'ZINC ION' 'Zn 2'
#
# COMPACT_ATOMS: atom_id res chain seq x y z
N LEU A 39 -27.21 8.17 15.94
CA LEU A 39 -25.75 8.45 16.00
C LEU A 39 -25.28 9.53 15.04
N SER A 40 -24.19 10.21 15.42
CA SER A 40 -23.61 11.25 14.59
C SER A 40 -22.92 10.54 13.43
N TRP A 41 -22.50 11.29 12.43
CA TRP A 41 -21.81 10.69 11.31
C TRP A 41 -20.52 10.06 11.80
N GLN A 42 -19.79 10.79 12.64
CA GLN A 42 -18.54 10.30 13.19
C GLN A 42 -18.77 9.01 13.96
N ASP A 43 -19.81 9.02 14.77
CA ASP A 43 -20.16 7.87 15.57
C ASP A 43 -20.50 6.68 14.69
N TYR A 44 -21.11 6.94 13.54
CA TYR A 44 -21.49 5.88 12.61
C TYR A 44 -20.27 5.28 11.93
N PHE A 45 -19.32 6.14 11.58
CA PHE A 45 -18.11 5.69 10.91
C PHE A 45 -17.15 5.00 11.88
N MET A 46 -16.83 5.67 12.99
CA MET A 46 -15.93 5.07 13.98
C MET A 46 -16.55 3.79 14.49
N ALA A 47 -17.88 3.72 14.43
CA ALA A 47 -18.59 2.54 14.89
C ALA A 47 -18.25 1.40 13.94
N ASN A 48 -18.25 1.70 12.64
CA ASN A 48 -17.93 0.70 11.65
C ASN A 48 -16.48 0.27 11.75
N ALA A 49 -15.59 1.23 12.00
CA ALA A 49 -14.17 0.92 12.14
C ALA A 49 -14.01 -0.18 13.19
N GLU A 50 -14.55 0.08 14.37
CA GLU A 50 -14.51 -0.87 15.47
C GLU A 50 -15.23 -2.15 15.07
N LEU A 51 -16.27 -1.98 14.27
CA LEU A 51 -17.08 -3.10 13.82
C LEU A 51 -16.34 -4.02 12.86
N ILE A 52 -15.81 -3.44 11.79
CA ILE A 52 -15.11 -4.21 10.79
C ILE A 52 -13.81 -4.84 11.33
N SER A 53 -13.21 -4.22 12.33
CA SER A 53 -11.96 -4.77 12.87
C SER A 53 -12.18 -6.16 13.45
N LYS A 54 -13.43 -6.47 13.79
CA LYS A 54 -13.78 -7.77 14.37
C LYS A 54 -13.60 -8.90 13.37
N ARG A 55 -13.45 -8.57 12.10
CA ARG A 55 -13.28 -9.60 11.08
C ARG A 55 -11.83 -9.99 10.91
N SER A 56 -10.95 -9.32 11.66
CA SER A 56 -9.52 -9.60 11.58
C SER A 56 -9.26 -11.09 11.69
N THR A 57 -8.23 -11.57 10.99
CA THR A 57 -7.90 -12.99 11.05
C THR A 57 -6.56 -13.25 11.71
N CYS A 58 -6.08 -12.27 12.48
CA CYS A 58 -4.80 -12.41 13.17
C CYS A 58 -4.91 -12.13 14.67
N ASN A 59 -4.77 -13.18 15.46
CA ASN A 59 -4.82 -13.11 16.93
C ASN A 59 -4.27 -11.84 17.54
N ARG A 60 -3.06 -11.49 17.13
CA ARG A 60 -2.31 -10.35 17.63
C ARG A 60 -2.88 -8.95 17.45
N ALA A 61 -3.78 -8.74 16.49
CA ALA A 61 -4.33 -7.40 16.32
C ALA A 61 -5.66 -7.33 15.60
N TYR A 62 -6.55 -6.51 16.14
CA TYR A 62 -7.87 -6.30 15.55
C TYR A 62 -8.00 -4.83 15.19
N VAL A 63 -7.73 -4.54 13.92
CA VAL A 63 -7.78 -3.19 13.40
C VAL A 63 -8.88 -3.08 12.35
N GLY A 64 -9.37 -1.86 12.15
CA GLY A 64 -10.42 -1.65 11.16
C GLY A 64 -10.37 -0.23 10.61
N ALA A 65 -10.33 -0.14 9.29
CA ALA A 65 -10.27 1.17 8.62
C ALA A 65 -11.49 1.39 7.73
N VAL A 66 -12.03 2.61 7.80
CA VAL A 66 -13.18 2.98 7.00
C VAL A 66 -12.86 4.22 6.17
N LEU A 67 -12.86 4.05 4.86
CA LEU A 67 -12.56 5.15 3.96
C LEU A 67 -13.88 5.82 3.60
N VAL A 68 -13.95 7.13 3.79
CA VAL A 68 -15.16 7.89 3.53
C VAL A 68 -14.97 9.04 2.55
N LYS A 69 -15.97 9.23 1.68
CA LYS A 69 -15.97 10.32 0.72
C LYS A 69 -17.37 10.88 0.72
N ASN A 70 -17.49 12.18 0.95
CA ASN A 70 -18.79 12.82 0.99
C ASN A 70 -19.78 11.97 1.79
N ASN A 71 -19.41 11.68 3.03
CA ASN A 71 -20.24 10.89 3.95
C ASN A 71 -20.63 9.49 3.50
N ARG A 72 -19.92 8.93 2.54
CA ARG A 72 -20.26 7.58 2.10
C ARG A 72 -19.10 6.63 2.33
N ILE A 73 -19.36 5.50 2.99
CA ILE A 73 -18.31 4.51 3.19
C ILE A 73 -18.06 3.97 1.78
N ILE A 74 -16.82 4.12 1.28
CA ILE A 74 -16.50 3.68 -0.06
C ILE A 74 -15.62 2.44 -0.08
N ALA A 75 -14.86 2.26 0.99
CA ALA A 75 -13.97 1.10 1.11
C ALA A 75 -13.61 0.89 2.57
N THR A 76 -13.27 -0.34 2.93
CA THR A 76 -12.90 -0.66 4.31
C THR A 76 -11.78 -1.67 4.39
N GLY A 77 -11.31 -1.91 5.61
CA GLY A 77 -10.23 -2.86 5.81
C GLY A 77 -10.08 -3.30 7.25
N TYR A 78 -9.45 -4.45 7.43
CA TYR A 78 -9.22 -4.98 8.76
C TYR A 78 -7.93 -5.79 8.71
N ASN A 79 -7.43 -6.21 9.87
CA ASN A 79 -6.18 -6.95 9.91
C ASN A 79 -6.31 -8.32 9.25
N GLY A 80 -6.03 -8.36 7.95
CA GLY A 80 -6.14 -9.61 7.21
C GLY A 80 -5.06 -9.80 6.18
N GLY A 81 -4.80 -11.06 5.83
CA GLY A 81 -3.79 -11.37 4.85
C GLY A 81 -4.38 -11.29 3.46
N VAL A 82 -3.65 -11.77 2.46
CA VAL A 82 -4.13 -11.73 1.10
C VAL A 82 -5.38 -12.60 1.04
N ALA A 83 -6.40 -12.12 0.33
CA ALA A 83 -7.61 -12.89 0.20
C ALA A 83 -7.25 -14.20 -0.50
N ASP A 84 -7.91 -15.28 -0.11
CA ASP A 84 -7.66 -16.58 -0.72
C ASP A 84 -6.30 -17.16 -0.41
N THR A 85 -5.79 -16.88 0.79
CA THR A 85 -4.52 -17.44 1.25
C THR A 85 -4.69 -17.75 2.73
N ASP A 86 -3.91 -18.69 3.24
CA ASP A 86 -4.00 -19.05 4.65
C ASP A 86 -3.96 -17.80 5.52
N ASN A 87 -4.56 -17.88 6.70
CA ASN A 87 -4.58 -16.75 7.64
C ASN A 87 -4.07 -17.17 9.02
N CYS A 88 -3.38 -16.24 9.72
CA CYS A 88 -2.83 -16.53 11.04
C CYS A 88 -3.91 -17.26 11.85
N ASP A 89 -5.17 -17.04 11.50
CA ASP A 89 -6.30 -17.69 12.18
C ASP A 89 -6.37 -19.21 11.95
N ASP A 90 -6.40 -19.63 10.69
CA ASP A 90 -6.48 -21.07 10.39
C ASP A 90 -5.22 -21.87 10.57
N VAL A 91 -4.12 -21.48 9.93
CA VAL A 91 -2.87 -22.23 10.03
C VAL A 91 -1.87 -21.72 11.07
N GLY A 92 -2.26 -20.71 11.83
CA GLY A 92 -1.33 -20.16 12.81
C GLY A 92 -0.56 -19.01 12.22
N HIS A 93 0.22 -18.31 13.04
CA HIS A 93 0.96 -17.16 12.54
C HIS A 93 2.20 -17.47 11.70
N GLU A 94 2.71 -16.43 11.04
CA GLU A 94 3.91 -16.51 10.22
C GLU A 94 4.77 -15.41 10.83
N MET A 95 5.37 -15.74 11.98
CA MET A 95 6.17 -14.79 12.76
C MET A 95 7.37 -14.03 12.23
N GLU A 96 8.47 -14.70 11.92
CA GLU A 96 9.67 -14.01 11.46
C GLU A 96 10.00 -12.74 12.25
N ASP A 97 10.97 -12.85 13.17
CA ASP A 97 11.40 -11.74 14.02
C ASP A 97 10.41 -11.35 15.12
N GLY A 98 9.37 -12.16 15.29
CA GLY A 98 8.39 -11.89 16.32
C GLY A 98 7.12 -11.18 15.92
N HIS A 99 6.70 -11.29 14.65
CA HIS A 99 5.45 -10.63 14.20
C HIS A 99 4.75 -11.38 13.06
N CYS A 100 3.57 -11.96 13.29
CA CYS A 100 2.85 -12.66 12.21
C CYS A 100 2.75 -11.67 11.03
N ILE A 101 3.70 -11.79 10.10
CA ILE A 101 3.79 -10.93 8.91
C ILE A 101 2.78 -11.32 7.83
N ARG A 102 1.83 -12.16 8.18
CA ARG A 102 0.83 -12.61 7.22
C ARG A 102 -0.11 -11.50 6.80
N THR A 103 -0.74 -10.87 7.78
CA THR A 103 -1.71 -9.80 7.54
C THR A 103 -1.20 -8.54 6.85
N VAL A 104 -2.15 -7.77 6.35
CA VAL A 104 -1.89 -6.49 5.68
C VAL A 104 -2.64 -5.47 6.53
N HIS A 105 -1.99 -4.37 6.88
CA HIS A 105 -2.65 -3.38 7.71
C HIS A 105 -3.98 -2.89 7.18
N ALA A 106 -4.96 -2.84 8.07
CA ALA A 106 -6.31 -2.40 7.72
C ALA A 106 -6.26 -1.17 6.82
N GLU A 107 -5.53 -0.15 7.26
CA GLU A 107 -5.43 1.07 6.47
C GLU A 107 -5.12 0.73 5.03
N MET A 108 -4.09 -0.09 4.82
CA MET A 108 -3.71 -0.49 3.46
C MET A 108 -4.82 -1.24 2.72
N ASN A 109 -5.28 -2.34 3.30
CA ASN A 109 -6.34 -3.12 2.69
C ASN A 109 -7.49 -2.23 2.24
N ALA A 110 -7.79 -1.20 3.01
CA ALA A 110 -8.86 -0.29 2.62
C ALA A 110 -8.47 0.40 1.33
N LEU A 111 -7.20 0.78 1.22
CA LEU A 111 -6.70 1.44 0.01
C LEU A 111 -6.58 0.48 -1.16
N ILE A 112 -6.06 -0.71 -0.88
CA ILE A 112 -5.90 -1.73 -1.90
C ILE A 112 -7.29 -2.02 -2.46
N GLN A 113 -8.28 -2.04 -1.58
CA GLN A 113 -9.62 -2.32 -2.04
C GLN A 113 -10.01 -1.25 -3.05
N CYS A 114 -9.65 0.00 -2.75
CA CYS A 114 -9.95 1.10 -3.63
C CYS A 114 -9.31 0.84 -4.99
N ALA A 115 -8.01 0.54 -4.95
CA ALA A 115 -7.29 0.28 -6.17
C ALA A 115 -7.98 -0.83 -6.94
N LYS A 116 -7.99 -2.02 -6.34
CA LYS A 116 -8.60 -3.20 -6.97
C LYS A 116 -9.96 -3.00 -7.62
N GLU A 117 -10.76 -2.08 -7.11
CA GLU A 117 -12.08 -1.85 -7.65
C GLU A 117 -12.22 -0.58 -8.48
N GLY A 118 -11.11 0.10 -8.74
CA GLY A 118 -11.15 1.32 -9.51
C GLY A 118 -11.84 2.46 -8.78
N ILE A 119 -12.30 2.19 -7.56
CA ILE A 119 -12.97 3.22 -6.77
C ILE A 119 -11.94 4.19 -6.20
N SER A 120 -12.09 5.47 -6.55
CA SER A 120 -11.17 6.53 -6.10
C SER A 120 -11.15 6.87 -4.62
N ALA A 121 -9.96 7.14 -4.11
CA ALA A 121 -9.77 7.49 -2.70
C ALA A 121 -9.22 8.91 -2.59
N ASN A 122 -9.28 9.66 -3.67
CA ASN A 122 -8.81 11.04 -3.69
C ASN A 122 -9.74 11.90 -2.81
N ASN A 123 -9.15 12.78 -2.00
CA ASN A 123 -9.91 13.64 -1.11
C ASN A 123 -10.90 12.88 -0.27
N THR A 124 -10.46 11.80 0.36
CA THR A 124 -11.36 11.06 1.21
C THR A 124 -10.96 11.27 2.67
N GLU A 125 -11.66 10.59 3.56
CA GLU A 125 -11.40 10.73 4.99
C GLU A 125 -11.40 9.33 5.57
N ILE A 126 -10.46 9.04 6.45
CA ILE A 126 -10.40 7.71 7.03
C ILE A 126 -10.68 7.70 8.53
N TYR A 127 -11.30 6.62 8.96
CA TYR A 127 -11.64 6.38 10.35
C TYR A 127 -10.93 5.08 10.68
N VAL A 128 -10.10 5.09 11.70
CA VAL A 128 -9.35 3.91 12.05
C VAL A 128 -9.39 3.61 13.53
N THR A 129 -9.34 2.33 13.89
CA THR A 129 -9.35 1.98 15.30
C THR A 129 -8.09 2.53 15.96
N HIS A 130 -6.94 2.36 15.31
CA HIS A 130 -5.66 2.83 15.85
C HIS A 130 -4.98 3.73 14.83
N PHE A 131 -4.30 4.79 15.29
CA PHE A 131 -3.61 5.69 14.36
C PHE A 131 -2.57 4.91 13.58
N PRO A 132 -2.48 5.16 12.25
CA PRO A 132 -1.57 4.54 11.29
C PRO A 132 -0.08 4.49 11.64
N CYS A 133 0.57 3.42 11.22
CA CYS A 133 2.00 3.31 11.44
C CYS A 133 2.56 4.28 10.40
N ILE A 134 3.86 4.51 10.42
CA ILE A 134 4.42 5.48 9.48
C ILE A 134 4.23 5.15 8.00
N ASN A 135 4.29 3.87 7.62
CA ASN A 135 4.12 3.51 6.22
C ASN A 135 2.69 3.71 5.74
N CYS A 136 1.74 3.32 6.58
CA CYS A 136 0.34 3.49 6.22
C CYS A 136 0.05 4.97 6.11
N THR A 137 0.64 5.74 7.02
CA THR A 137 0.45 7.17 6.99
C THR A 137 0.86 7.69 5.63
N LYS A 138 2.06 7.30 5.21
CA LYS A 138 2.57 7.70 3.91
C LYS A 138 1.56 7.27 2.83
N ALA A 139 1.31 5.97 2.75
CA ALA A 139 0.38 5.43 1.78
C ALA A 139 -0.91 6.26 1.76
N LEU A 140 -1.54 6.42 2.93
CA LEU A 140 -2.77 7.19 3.03
C LEU A 140 -2.65 8.60 2.46
N LEU A 141 -1.63 9.34 2.87
CA LEU A 141 -1.46 10.70 2.35
C LEU A 141 -1.24 10.67 0.82
N GLN A 142 -0.37 9.75 0.39
CA GLN A 142 -0.07 9.62 -1.02
C GLN A 142 -1.32 9.26 -1.79
N ALA A 143 -2.24 8.58 -1.11
CA ALA A 143 -3.49 8.17 -1.74
C ALA A 143 -4.41 9.37 -1.92
N GLY A 144 -4.19 10.41 -1.13
CA GLY A 144 -5.01 11.60 -1.21
C GLY A 144 -6.02 11.79 -0.11
N VAL A 145 -5.91 11.06 1.00
CA VAL A 145 -6.88 11.24 2.10
C VAL A 145 -6.47 12.50 2.85
N LYS A 146 -7.45 13.28 3.30
CA LYS A 146 -7.15 14.54 3.98
C LYS A 146 -7.47 14.61 5.46
N LYS A 147 -7.92 13.50 6.01
CA LYS A 147 -8.23 13.47 7.43
C LYS A 147 -8.13 12.06 7.96
N ILE A 148 -7.60 11.95 9.17
CA ILE A 148 -7.42 10.66 9.81
C ILE A 148 -8.06 10.72 11.18
N THR A 149 -9.28 10.20 11.29
CA THR A 149 -10.00 10.21 12.57
C THR A 149 -9.79 8.88 13.32
N TYR A 150 -8.89 8.89 14.29
CA TYR A 150 -8.58 7.70 15.06
C TYR A 150 -9.28 7.63 16.42
N ASN A 151 -9.27 6.43 17.00
CA ASN A 151 -9.87 6.18 18.31
C ASN A 151 -8.76 6.04 19.34
N THR A 152 -7.78 5.20 19.03
CA THR A 152 -6.64 4.93 19.89
C THR A 152 -5.35 5.37 19.20
N ALA A 153 -4.33 5.69 19.99
CA ALA A 153 -3.06 6.12 19.43
C ALA A 153 -1.90 6.02 20.40
N TYR A 154 -0.84 5.33 19.97
CA TYR A 154 0.36 5.20 20.79
C TYR A 154 1.09 6.53 20.71
N ARG A 155 2.31 6.52 20.18
CA ARG A 155 3.07 7.74 20.02
C ARG A 155 3.18 8.01 18.53
N ILE A 156 2.37 8.95 18.01
CA ILE A 156 2.44 9.26 16.58
C ILE A 156 3.89 9.56 16.20
N HIS A 157 4.38 8.87 15.19
CA HIS A 157 5.74 9.05 14.72
C HIS A 157 5.95 10.51 14.33
N PRO A 158 7.14 11.05 14.62
CA PRO A 158 7.50 12.44 14.31
C PRO A 158 7.37 12.73 12.82
N PHE A 159 7.88 11.81 12.02
CA PHE A 159 7.83 11.95 10.57
C PHE A 159 6.36 11.99 10.13
N ALA A 160 5.52 11.29 10.87
CA ALA A 160 4.09 11.24 10.59
C ALA A 160 3.52 12.66 10.63
N ILE A 161 3.91 13.40 11.66
CA ILE A 161 3.44 14.76 11.81
C ILE A 161 4.11 15.64 10.77
N GLU A 162 5.40 15.45 10.55
CA GLU A 162 6.10 16.26 9.55
C GLU A 162 5.30 16.14 8.25
N LEU A 163 4.93 14.91 7.91
CA LEU A 163 4.17 14.62 6.70
C LEU A 163 2.77 15.22 6.72
N MET A 164 1.96 14.82 7.69
CA MET A 164 0.61 15.35 7.80
C MET A 164 0.63 16.87 7.79
N THR A 165 1.66 17.45 8.40
CA THR A 165 1.80 18.89 8.43
C THR A 165 2.04 19.42 7.03
N GLN A 166 3.13 18.99 6.39
CA GLN A 166 3.41 19.45 5.03
C GLN A 166 2.21 19.19 4.13
N LYS A 167 1.78 17.93 4.06
CA LYS A 167 0.66 17.52 3.24
C LYS A 167 -0.69 18.05 3.72
N GLU A 168 -0.66 18.95 4.71
CA GLU A 168 -1.87 19.56 5.28
C GLU A 168 -3.03 18.62 5.59
N VAL A 169 -2.74 17.46 6.17
CA VAL A 169 -3.77 16.51 6.51
C VAL A 169 -4.05 16.69 7.98
N GLU A 170 -5.32 16.65 8.37
CA GLU A 170 -5.63 16.81 9.79
C GLU A 170 -5.94 15.46 10.42
N TYR A 171 -5.57 15.32 11.69
CA TYR A 171 -5.81 14.08 12.42
C TYR A 171 -6.60 14.35 13.70
N VAL A 172 -7.71 13.64 13.85
CA VAL A 172 -8.57 13.83 15.01
C VAL A 172 -8.88 12.54 15.77
N GLN A 173 -9.02 12.67 17.09
CA GLN A 173 -9.35 11.54 17.95
C GLN A 173 -10.85 11.59 18.21
N HIS A 174 -11.47 10.41 18.33
CA HIS A 174 -12.89 10.31 18.56
C HIS A 174 -13.19 8.89 19.02
N ASP A 175 -13.92 8.74 20.12
CA ASP A 175 -14.20 7.40 20.62
C ASP A 175 -15.33 6.67 19.90
N VAL A 176 -15.37 5.36 20.12
CA VAL A 176 -16.38 4.50 19.53
C VAL A 176 -17.68 4.69 20.32
N PRO A 177 -18.71 5.28 19.70
CA PRO A 177 -19.97 5.48 20.42
C PRO A 177 -20.48 4.16 20.96
N ARG A 178 -21.05 4.18 22.15
CA ARG A 178 -21.61 2.95 22.71
C ARG A 178 -22.86 2.68 21.87
N VAL A 179 -22.97 1.47 21.33
CA VAL A 179 -24.11 1.15 20.47
C VAL A 179 -24.96 -0.04 20.89
N LYS A 180 -26.26 0.09 20.62
CA LYS A 180 -27.26 -0.92 20.96
C LYS A 180 -27.09 -2.20 20.16
N LEU A 181 -28.23 -2.83 19.84
CA LEU A 181 -28.27 -4.07 19.09
C LEU A 181 -27.20 -4.09 18.01
N LEU B 39 10.03 -4.77 -31.52
CA LEU B 39 9.96 -4.33 -30.10
C LEU B 39 8.72 -4.90 -29.41
N SER B 40 8.92 -5.91 -28.57
CA SER B 40 7.82 -6.56 -27.86
C SER B 40 7.28 -5.74 -26.72
N TRP B 41 6.08 -6.09 -26.28
CA TRP B 41 5.44 -5.41 -25.17
C TRP B 41 6.26 -5.59 -23.90
N GLN B 42 6.78 -6.80 -23.69
CA GLN B 42 7.60 -7.06 -22.52
C GLN B 42 8.74 -6.05 -22.47
N ASP B 43 9.33 -5.79 -23.62
CA ASP B 43 10.42 -4.85 -23.69
C ASP B 43 9.89 -3.44 -23.51
N TYR B 44 8.85 -3.10 -24.25
CA TYR B 44 8.27 -1.77 -24.13
C TYR B 44 7.93 -1.46 -22.69
N PHE B 45 7.45 -2.47 -21.99
CA PHE B 45 7.08 -2.30 -20.59
C PHE B 45 8.29 -2.29 -19.69
N MET B 46 9.17 -3.27 -19.87
CA MET B 46 10.36 -3.36 -19.03
C MET B 46 11.27 -2.17 -19.25
N ALA B 47 11.16 -1.55 -20.43
CA ALA B 47 11.98 -0.39 -20.75
C ALA B 47 11.41 0.81 -20.00
N ASN B 48 10.09 0.90 -19.92
CA ASN B 48 9.45 2.01 -19.22
C ASN B 48 9.77 2.01 -17.74
N ALA B 49 9.93 0.82 -17.18
CA ALA B 49 10.24 0.68 -15.76
C ALA B 49 11.61 1.29 -15.47
N GLU B 50 12.60 0.88 -16.26
CA GLU B 50 13.96 1.37 -16.12
C GLU B 50 14.00 2.88 -16.26
N LEU B 51 13.16 3.43 -17.14
CA LEU B 51 13.12 4.86 -17.33
C LEU B 51 12.54 5.54 -16.10
N ILE B 52 11.37 5.09 -15.67
CA ILE B 52 10.70 5.64 -14.50
C ILE B 52 11.54 5.48 -13.23
N SER B 53 12.28 4.39 -13.15
CA SER B 53 13.13 4.13 -11.98
C SER B 53 14.19 5.21 -11.85
N LYS B 54 14.49 5.88 -12.96
CA LYS B 54 15.48 6.93 -12.94
C LYS B 54 14.93 8.15 -12.23
N ARG B 55 13.62 8.22 -12.10
CA ARG B 55 12.98 9.35 -11.43
C ARG B 55 13.00 9.19 -9.90
N SER B 56 13.56 8.08 -9.42
CA SER B 56 13.63 7.85 -7.97
C SER B 56 14.19 9.10 -7.31
N THR B 57 13.50 9.56 -6.28
CA THR B 57 13.90 10.76 -5.57
C THR B 57 14.74 10.50 -4.32
N CYS B 58 15.41 9.35 -4.31
CA CYS B 58 16.28 8.92 -3.19
C CYS B 58 17.37 7.98 -3.73
N ASN B 59 18.59 8.49 -3.88
CA ASN B 59 19.70 7.70 -4.40
C ASN B 59 19.87 6.32 -3.77
N ARG B 60 19.55 6.20 -2.48
CA ARG B 60 19.68 4.91 -1.80
C ARG B 60 19.06 3.78 -2.64
N ALA B 61 18.14 4.11 -3.55
CA ALA B 61 17.51 3.09 -4.38
C ALA B 61 16.74 3.60 -5.60
N TYR B 62 17.14 3.16 -6.79
CA TYR B 62 16.47 3.55 -8.03
C TYR B 62 15.65 2.38 -8.53
N VAL B 63 14.34 2.48 -8.39
CA VAL B 63 13.46 1.40 -8.84
C VAL B 63 12.19 1.95 -9.44
N GLY B 64 11.76 1.34 -10.53
CA GLY B 64 10.55 1.79 -11.20
C GLY B 64 9.62 0.63 -11.39
N ALA B 65 8.33 0.94 -11.52
CA ALA B 65 7.31 -0.07 -11.69
C ALA B 65 6.21 0.41 -12.64
N VAL B 66 5.70 -0.51 -13.45
CA VAL B 66 4.64 -0.19 -14.39
C VAL B 66 3.50 -1.21 -14.32
N LEU B 67 2.27 -0.71 -14.20
CA LEU B 67 1.07 -1.55 -14.13
C LEU B 67 0.36 -1.63 -15.47
N VAL B 68 0.37 -2.82 -16.05
CA VAL B 68 -0.25 -3.03 -17.34
C VAL B 68 -1.54 -3.84 -17.31
N LYS B 69 -2.48 -3.49 -18.18
CA LYS B 69 -3.76 -4.17 -18.32
C LYS B 69 -4.08 -4.13 -19.80
N ASN B 70 -4.17 -5.29 -20.44
CA ASN B 70 -4.44 -5.36 -21.87
C ASN B 70 -3.28 -4.66 -22.55
N ASN B 71 -2.06 -4.98 -22.16
CA ASN B 71 -0.88 -4.36 -22.73
C ASN B 71 -0.96 -2.84 -22.72
N ARG B 72 -1.79 -2.30 -21.84
CA ARG B 72 -1.96 -0.85 -21.73
C ARG B 72 -1.50 -0.32 -20.37
N ILE B 73 -0.49 0.57 -20.38
CA ILE B 73 0.01 1.15 -19.13
C ILE B 73 -1.15 1.86 -18.46
N ILE B 74 -1.38 1.56 -17.19
CA ILE B 74 -2.49 2.19 -16.47
C ILE B 74 -2.00 3.04 -15.32
N ALA B 75 -0.85 2.68 -14.77
CA ALA B 75 -0.25 3.40 -13.66
C ALA B 75 1.23 3.08 -13.59
N THR B 76 1.99 3.97 -12.96
CA THR B 76 3.42 3.75 -12.80
C THR B 76 3.91 4.27 -11.48
N GLY B 77 5.15 3.91 -11.15
CA GLY B 77 5.72 4.36 -9.90
C GLY B 77 7.21 4.13 -9.82
N TYR B 78 7.87 4.94 -9.00
CA TYR B 78 9.31 4.80 -8.78
C TYR B 78 9.54 5.01 -7.29
N ASN B 79 10.80 4.96 -6.85
CA ASN B 79 11.12 5.13 -5.44
C ASN B 79 11.10 6.59 -5.01
N GLY B 80 10.01 7.00 -4.36
CA GLY B 80 9.86 8.36 -3.91
C GLY B 80 8.91 8.49 -2.74
N GLY B 81 8.96 9.62 -2.06
CA GLY B 81 8.10 9.85 -0.92
C GLY B 81 6.77 10.47 -1.30
N VAL B 82 5.98 10.85 -0.30
CA VAL B 82 4.68 11.46 -0.56
C VAL B 82 4.89 12.69 -1.44
N ALA B 83 3.98 12.92 -2.36
CA ALA B 83 4.07 14.06 -3.26
C ALA B 83 3.84 15.36 -2.50
N ASP B 84 4.55 16.41 -2.92
CA ASP B 84 4.43 17.71 -2.27
C ASP B 84 5.02 17.63 -0.88
N THR B 85 6.04 16.80 -0.74
CA THR B 85 6.73 16.57 0.51
C THR B 85 8.22 16.59 0.20
N ASP B 86 9.05 16.87 1.21
CA ASP B 86 10.49 16.87 0.99
C ASP B 86 10.93 15.51 0.43
N ASN B 87 12.15 15.44 -0.10
CA ASN B 87 12.65 14.19 -0.66
C ASN B 87 14.12 13.94 -0.35
N CYS B 88 14.46 12.68 -0.02
CA CYS B 88 15.83 12.32 0.34
C CYS B 88 16.82 13.00 -0.62
N ASP B 89 16.32 13.49 -1.75
CA ASP B 89 17.17 14.17 -2.73
C ASP B 89 17.50 15.60 -2.32
N ASP B 90 16.48 16.39 -2.01
CA ASP B 90 16.64 17.79 -1.62
C ASP B 90 17.10 18.01 -0.19
N VAL B 91 16.48 17.30 0.75
CA VAL B 91 16.79 17.49 2.16
C VAL B 91 17.54 16.34 2.81
N GLY B 92 18.02 15.39 2.04
CA GLY B 92 18.75 14.28 2.64
C GLY B 92 17.81 13.20 3.14
N HIS B 93 18.37 12.04 3.48
CA HIS B 93 17.56 10.92 3.94
C HIS B 93 16.82 11.11 5.25
N GLU B 94 15.89 10.20 5.52
CA GLU B 94 15.12 10.21 6.75
C GLU B 94 15.35 8.85 7.37
N MET B 95 16.53 8.69 7.97
CA MET B 95 16.95 7.45 8.62
C MET B 95 16.20 7.10 9.89
N GLU B 96 16.16 5.80 10.16
CA GLU B 96 15.56 5.28 11.37
C GLU B 96 16.28 3.96 11.49
N ASP B 97 17.37 3.97 12.26
CA ASP B 97 18.21 2.80 12.48
C ASP B 97 18.36 1.99 11.20
N GLY B 98 18.88 2.62 10.15
CA GLY B 98 19.06 1.90 8.91
C GLY B 98 18.92 2.60 7.58
N HIS B 99 17.69 2.83 7.12
CA HIS B 99 17.47 3.45 5.79
C HIS B 99 16.54 4.66 5.74
N CYS B 100 16.56 5.36 4.60
CA CYS B 100 15.71 6.55 4.39
C CYS B 100 14.27 6.06 4.17
N ILE B 101 13.54 5.93 5.28
CA ILE B 101 12.14 5.49 5.32
C ILE B 101 11.23 6.53 4.67
N ARG B 102 11.83 7.59 4.16
CA ARG B 102 11.11 8.69 3.54
C ARG B 102 10.26 8.37 2.31
N THR B 103 10.71 7.39 1.54
CA THR B 103 10.02 6.98 0.32
C THR B 103 8.97 5.88 0.48
N VAL B 104 8.17 5.74 -0.57
CA VAL B 104 7.13 4.72 -0.67
C VAL B 104 7.65 3.86 -1.81
N HIS B 105 7.61 2.55 -1.67
CA HIS B 105 8.13 1.72 -2.75
C HIS B 105 7.38 1.91 -4.06
N ALA B 106 8.12 1.92 -5.16
CA ALA B 106 7.60 2.10 -6.51
C ALA B 106 6.33 1.29 -6.75
N GLU B 107 6.42 -0.02 -6.49
CA GLU B 107 5.28 -0.91 -6.68
C GLU B 107 4.05 -0.33 -5.99
N MET B 108 4.21 -0.03 -4.71
CA MET B 108 3.14 0.52 -3.90
C MET B 108 2.62 1.81 -4.49
N ASN B 109 3.54 2.67 -4.89
CA ASN B 109 3.19 3.95 -5.48
C ASN B 109 2.30 3.77 -6.70
N ALA B 110 2.59 2.76 -7.51
CA ALA B 110 1.80 2.46 -8.70
C ALA B 110 0.39 2.11 -8.25
N LEU B 111 0.30 1.23 -7.27
CA LEU B 111 -0.99 0.81 -6.75
C LEU B 111 -1.76 2.00 -6.20
N ILE B 112 -1.07 2.88 -5.49
CA ILE B 112 -1.72 4.03 -4.92
C ILE B 112 -2.25 4.94 -6.03
N GLN B 113 -1.52 5.01 -7.12
CA GLN B 113 -1.97 5.84 -8.23
C GLN B 113 -3.32 5.37 -8.73
N CYS B 114 -3.56 4.06 -8.70
CA CYS B 114 -4.84 3.54 -9.14
C CYS B 114 -5.90 3.96 -8.14
N ALA B 115 -5.60 3.78 -6.86
CA ALA B 115 -6.53 4.14 -5.80
C ALA B 115 -6.84 5.65 -5.80
N LYS B 116 -5.81 6.48 -5.94
CA LYS B 116 -6.03 7.92 -5.97
C LYS B 116 -6.76 8.36 -7.23
N GLU B 117 -6.37 7.80 -8.37
CA GLU B 117 -6.98 8.15 -9.64
C GLU B 117 -8.24 7.32 -9.92
N GLY B 118 -8.55 6.40 -9.01
CA GLY B 118 -9.74 5.57 -9.20
C GLY B 118 -9.71 4.75 -10.48
N ILE B 119 -8.69 3.94 -10.66
CA ILE B 119 -8.60 3.09 -11.83
C ILE B 119 -8.24 1.68 -11.40
N SER B 120 -9.10 0.73 -11.73
CA SER B 120 -8.94 -0.67 -11.33
C SER B 120 -7.65 -1.40 -11.69
N ALA B 121 -7.06 -2.04 -10.69
CA ALA B 121 -5.82 -2.77 -10.89
C ALA B 121 -6.02 -4.28 -10.92
N ASN B 122 -7.23 -4.73 -10.59
CA ASN B 122 -7.51 -6.16 -10.58
C ASN B 122 -7.26 -6.74 -11.97
N ASN B 123 -6.65 -7.91 -12.01
CA ASN B 123 -6.35 -8.57 -13.27
C ASN B 123 -5.38 -7.78 -14.13
N THR B 124 -4.26 -7.39 -13.53
CA THR B 124 -3.26 -6.66 -14.25
C THR B 124 -1.99 -7.45 -14.05
N GLU B 125 -0.91 -7.02 -14.69
CA GLU B 125 0.39 -7.66 -14.56
C GLU B 125 1.31 -6.49 -14.22
N ILE B 126 2.55 -6.77 -13.85
CA ILE B 126 3.44 -5.67 -13.53
C ILE B 126 4.88 -5.89 -13.95
N TYR B 127 5.53 -4.79 -14.31
CA TYR B 127 6.93 -4.83 -14.70
C TYR B 127 7.68 -4.00 -13.68
N VAL B 128 8.61 -4.65 -13.00
CA VAL B 128 9.40 -3.99 -11.97
C VAL B 128 10.88 -4.22 -12.19
N THR B 129 11.66 -3.17 -11.92
CA THR B 129 13.11 -3.24 -12.05
C THR B 129 13.64 -4.30 -11.10
N HIS B 130 13.04 -4.40 -9.92
CA HIS B 130 13.44 -5.40 -8.93
C HIS B 130 12.21 -6.15 -8.42
N PHE B 131 12.39 -7.41 -8.03
CA PHE B 131 11.29 -8.18 -7.51
C PHE B 131 10.82 -7.48 -6.24
N PRO B 132 9.50 -7.49 -5.97
CA PRO B 132 8.95 -6.83 -4.79
C PRO B 132 9.37 -7.40 -3.44
N CYS B 133 9.44 -6.53 -2.44
CA CYS B 133 9.76 -6.97 -1.09
C CYS B 133 8.51 -7.72 -0.62
N ILE B 134 8.59 -8.38 0.51
CA ILE B 134 7.43 -9.13 0.99
C ILE B 134 6.18 -8.28 1.19
N ASN B 135 6.36 -7.06 1.68
CA ASN B 135 5.22 -6.17 1.91
C ASN B 135 4.48 -5.83 0.64
N CYS B 136 5.22 -5.35 -0.37
CA CYS B 136 4.61 -4.99 -1.64
C CYS B 136 3.97 -6.22 -2.30
N THR B 137 4.68 -7.34 -2.24
CA THR B 137 4.17 -8.56 -2.82
C THR B 137 2.76 -8.84 -2.31
N LYS B 138 2.52 -8.62 -1.02
CA LYS B 138 1.20 -8.85 -0.45
C LYS B 138 0.23 -7.82 -0.98
N ALA B 139 0.68 -6.57 -1.10
CA ALA B 139 -0.20 -5.52 -1.61
C ALA B 139 -0.61 -5.83 -3.06
N LEU B 140 0.39 -6.07 -3.92
CA LEU B 140 0.13 -6.37 -5.32
C LEU B 140 -0.87 -7.51 -5.43
N LEU B 141 -0.63 -8.59 -4.71
CA LEU B 141 -1.53 -9.73 -4.76
C LEU B 141 -2.92 -9.32 -4.29
N GLN B 142 -2.99 -8.63 -3.16
CA GLN B 142 -4.28 -8.22 -2.65
C GLN B 142 -5.01 -7.40 -3.70
N ALA B 143 -4.25 -6.51 -4.35
CA ALA B 143 -4.79 -5.64 -5.38
C ALA B 143 -5.39 -6.42 -6.54
N GLY B 144 -4.83 -7.58 -6.83
CA GLY B 144 -5.33 -8.38 -7.93
C GLY B 144 -4.34 -8.47 -9.08
N VAL B 145 -3.08 -8.11 -8.83
CA VAL B 145 -2.06 -8.18 -9.86
C VAL B 145 -1.84 -9.67 -10.11
N LYS B 146 -1.90 -10.09 -11.37
CA LYS B 146 -1.75 -11.50 -11.69
C LYS B 146 -0.42 -11.97 -12.24
N LYS B 147 0.57 -11.09 -12.34
CA LYS B 147 1.88 -11.49 -12.86
C LYS B 147 2.95 -10.46 -12.54
N ILE B 148 4.08 -10.93 -12.02
CA ILE B 148 5.19 -10.05 -11.69
C ILE B 148 6.34 -10.27 -12.67
N THR B 149 6.74 -9.21 -13.38
CA THR B 149 7.86 -9.30 -14.32
C THR B 149 8.99 -8.43 -13.83
N TYR B 150 10.01 -9.07 -13.28
CA TYR B 150 11.15 -8.37 -12.73
C TYR B 150 12.36 -8.42 -13.64
N ASN B 151 13.27 -7.47 -13.43
CA ASN B 151 14.49 -7.45 -14.21
C ASN B 151 15.61 -8.08 -13.37
N THR B 152 15.62 -7.79 -12.07
CA THR B 152 16.63 -8.34 -11.17
C THR B 152 16.01 -8.60 -9.80
N ALA B 153 16.72 -9.30 -8.93
CA ALA B 153 16.18 -9.60 -7.61
C ALA B 153 17.24 -10.11 -6.62
N TYR B 154 17.40 -9.42 -5.48
CA TYR B 154 18.37 -9.84 -4.49
C TYR B 154 17.89 -11.14 -3.86
N ARG B 155 17.06 -11.06 -2.83
CA ARG B 155 16.54 -12.28 -2.24
C ARG B 155 15.02 -12.20 -2.21
N ILE B 156 14.39 -13.13 -2.92
CA ILE B 156 12.93 -13.19 -2.97
C ILE B 156 12.48 -13.84 -1.67
N HIS B 157 11.73 -13.11 -0.87
CA HIS B 157 11.25 -13.63 0.39
C HIS B 157 10.50 -14.93 0.14
N PRO B 158 10.85 -15.99 0.88
CA PRO B 158 10.21 -17.29 0.73
C PRO B 158 8.70 -17.17 0.84
N PHE B 159 8.25 -16.34 1.77
CA PHE B 159 6.82 -16.17 1.96
C PHE B 159 6.21 -15.57 0.70
N ALA B 160 6.99 -14.75 0.01
CA ALA B 160 6.51 -14.14 -1.22
C ALA B 160 6.14 -15.28 -2.15
N ILE B 161 7.09 -16.18 -2.34
CA ILE B 161 6.92 -17.33 -3.21
C ILE B 161 5.71 -18.19 -2.79
N GLU B 162 5.55 -18.35 -1.49
CA GLU B 162 4.42 -19.12 -0.96
C GLU B 162 3.12 -18.43 -1.34
N LEU B 163 3.00 -17.17 -0.97
CA LEU B 163 1.81 -16.39 -1.28
C LEU B 163 1.51 -16.44 -2.75
N MET B 164 2.53 -16.22 -3.57
CA MET B 164 2.34 -16.23 -5.01
C MET B 164 1.81 -17.56 -5.49
N THR B 165 2.32 -18.63 -4.90
CA THR B 165 1.88 -19.97 -5.24
C THR B 165 0.43 -20.14 -4.82
N GLN B 166 0.14 -19.91 -3.56
CA GLN B 166 -1.22 -20.03 -3.08
C GLN B 166 -2.17 -19.19 -3.93
N LYS B 167 -1.71 -18.01 -4.31
CA LYS B 167 -2.53 -17.09 -5.10
C LYS B 167 -2.42 -17.36 -6.59
N GLU B 168 -1.64 -18.37 -6.97
CA GLU B 168 -1.46 -18.72 -8.37
C GLU B 168 -1.03 -17.52 -9.23
N VAL B 169 0.08 -16.89 -8.86
CA VAL B 169 0.59 -15.75 -9.60
C VAL B 169 2.01 -16.07 -10.05
N GLU B 170 2.29 -15.88 -11.34
CA GLU B 170 3.61 -16.19 -11.85
C GLU B 170 4.51 -14.96 -11.89
N TYR B 171 5.80 -15.19 -11.68
CA TYR B 171 6.79 -14.12 -11.71
C TYR B 171 7.87 -14.56 -12.69
N VAL B 172 8.29 -13.64 -13.54
CA VAL B 172 9.29 -13.94 -14.55
C VAL B 172 10.34 -12.86 -14.69
N GLN B 173 11.59 -13.29 -14.86
CA GLN B 173 12.68 -12.36 -15.05
C GLN B 173 12.64 -11.98 -16.52
N HIS B 174 13.12 -10.79 -16.85
CA HIS B 174 13.10 -10.34 -18.24
C HIS B 174 14.03 -9.15 -18.40
N ASP B 175 15.19 -9.37 -19.01
CA ASP B 175 16.15 -8.30 -19.18
C ASP B 175 15.58 -7.03 -19.81
N VAL B 176 16.29 -5.93 -19.61
CA VAL B 176 15.91 -4.63 -20.15
C VAL B 176 16.46 -4.49 -21.56
N PRO B 177 15.58 -4.27 -22.55
CA PRO B 177 16.06 -4.12 -23.93
C PRO B 177 16.94 -2.88 -24.11
N ARG B 178 18.00 -3.00 -24.90
CA ARG B 178 18.90 -1.88 -25.17
C ARG B 178 18.20 -1.03 -26.23
N VAL B 179 18.26 0.30 -26.14
CA VAL B 179 17.56 1.11 -27.13
C VAL B 179 18.18 2.40 -27.67
N LYS B 180 17.55 2.88 -28.76
CA LYS B 180 17.88 4.06 -29.55
C LYS B 180 18.07 5.47 -28.95
N LEU B 181 17.92 6.45 -29.85
CA LEU B 181 18.06 7.87 -29.56
C LEU B 181 17.12 8.29 -28.45
S SO4 C . -8.79 -8.57 3.63
O1 SO4 C . -8.84 -7.20 4.21
O2 SO4 C . -9.23 -9.55 4.63
O3 SO4 C . -9.67 -8.64 2.44
O4 SO4 C . -7.41 -8.91 3.22
S SO4 D . -11.41 -11.39 -7.80
O1 SO4 D . -12.16 -10.70 -6.72
O2 SO4 D . -9.97 -11.42 -7.47
O3 SO4 D . -11.91 -12.76 -7.93
O4 SO4 D . -11.61 -10.65 -9.06
S SO4 E . 5.69 3.11 13.28
O1 SO4 E . 5.30 1.88 14.00
O2 SO4 E . 7.10 3.42 13.56
O3 SO4 E . 5.51 2.91 11.82
O4 SO4 E . 4.84 4.23 13.73
S SO4 F . -24.61 14.75 12.23
O1 SO4 F . -23.92 15.79 13.02
O2 SO4 F . -23.92 13.45 12.40
O3 SO4 F . -26.01 14.60 12.71
O4 SO4 F . -24.60 15.12 10.81
ZN ZN G . 0.44 0.40 9.25
ZN ZN H . -1.13 -13.71 13.44
S SO4 I . 4.06 -6.03 8.55
O1 SO4 I . 5.15 -6.81 7.93
O2 SO4 I . 3.95 -6.38 9.98
O3 SO4 I . 4.36 -4.58 8.43
O4 SO4 I . 2.78 -6.33 7.86
S SO4 J . 10.23 1.77 4.03
O1 SO4 J . 10.53 2.32 5.37
O2 SO4 J . 11.32 0.89 3.60
O3 SO4 J . 8.98 0.99 4.08
O4 SO4 J . 10.09 2.88 3.06
S SO4 K . 5.60 9.36 -6.44
O1 SO4 K . 5.87 10.50 -7.32
O2 SO4 K . 5.90 8.10 -7.16
O3 SO4 K . 6.44 9.47 -5.23
O4 SO4 K . 4.17 9.36 -6.07
S SO4 L . 4.31 -8.94 -29.28
O1 SO4 L . 5.41 -9.91 -29.40
O2 SO4 L . 3.14 -9.58 -28.63
O3 SO4 L . 4.75 -7.79 -28.46
O4 SO4 L . 3.91 -8.47 -30.62
ZN ZN M . 16.92 8.35 0.65
ZN ZN N . 8.60 -3.13 -1.72
#